data_5C8B
#
_entry.id   5C8B
#
_cell.length_a   82.500
_cell.length_b   82.500
_cell.length_c   156.380
_cell.angle_alpha   90.00
_cell.angle_beta   90.00
_cell.angle_gamma   90.00
#
_symmetry.space_group_name_H-M   'P 43 21 2'
#
loop_
_entity.id
_entity.type
_entity.pdbx_description
1 polymer 'Sucrose phosphorylase'
2 non-polymer beta-D-glucopyranose
3 water water
#
_entity_poly.entity_id   1
_entity_poly.type   'polypeptide(L)'
_entity_poly.pdbx_seq_one_letter_code
;MAMKNKVQLITYADRLGDGTIKSMTDILRTRFDGVYDGVHILPFFTPFDGADAGFDPIDHTKVDERLGSWDDVAELSKTH
NIMVDAIVNHMSWESKQFQDVLAKGEESEYYPMFLTMSSVFPNGATEEDLAGIYRPRPGLPFTHYKFAGKTRLVWVSFTP
QQVDIDTDSDKGWEYLMSIFDQMAASHVSYIRLDAVGYGAKEAGTSCFMTPKTFKLISRLREEGVKRGLEILIEVHSYYK
KQVEIASKVDRVYDFALPPLLLHALSTGHVEPVAHWTDIRPNNAVTVLDTHDGIGVIDIGSDQLDRSLKGLVPDEDVDNL
VNTIHANTHGESQAATGAAASNLDLYFVNSTYYSALGCNDQHYIAARAVQFFLPGVPQVYYVGALAGKNDMELLRKTNNG
RDINRHYYSTAEIDENLKRPVVKALNALAKFRNELDAFDGTFSYTTDDDTSISFTWRGETSQATLTFEPKRGLGVDNTTP
VAMLEWEDSAGDHRSDDLIANPPVVALEHHHHHH
;
_entity_poly.pdbx_strand_id   B
#
loop_
_chem_comp.id
_chem_comp.type
_chem_comp.name
_chem_comp.formula
BGC D-saccharide, beta linking beta-D-glucopyranose 'C6 H12 O6'
#
# COMPACT_ATOMS: atom_id res chain seq x y z
N MET A 3 5.47 -14.64 6.59
CA MET A 3 4.49 -14.40 5.47
C MET A 3 4.98 -15.11 4.23
N LYS A 4 4.09 -15.88 3.58
CA LYS A 4 4.41 -16.68 2.38
C LYS A 4 5.07 -15.80 1.34
N ASN A 5 6.04 -16.38 0.63
CA ASN A 5 6.83 -15.68 -0.40
C ASN A 5 6.21 -15.71 -1.80
N LYS A 6 4.94 -16.09 -1.91
CA LYS A 6 4.24 -16.04 -3.21
C LYS A 6 3.72 -14.60 -3.48
N VAL A 7 3.52 -14.25 -4.75
CA VAL A 7 2.90 -12.97 -5.17
C VAL A 7 1.43 -12.87 -4.72
N GLN A 8 1.06 -11.71 -4.18
CA GLN A 8 -0.28 -11.47 -3.69
C GLN A 8 -0.96 -10.51 -4.65
N LEU A 9 -2.29 -10.50 -4.73
CA LEU A 9 -3.01 -9.51 -5.51
C LEU A 9 -3.80 -8.59 -4.58
N ILE A 10 -3.85 -7.30 -4.93
CA ILE A 10 -4.60 -6.30 -4.20
C ILE A 10 -5.84 -5.90 -5.02
N THR A 11 -7.02 -6.05 -4.46
CA THR A 11 -8.20 -5.67 -5.22
C THR A 11 -9.38 -5.29 -4.33
N TYR A 12 -10.29 -4.52 -4.91
CA TYR A 12 -11.59 -4.36 -4.31
C TYR A 12 -12.43 -5.62 -4.62
N ALA A 13 -13.35 -5.98 -3.72
CA ALA A 13 -14.31 -7.00 -4.04
C ALA A 13 -15.23 -6.61 -5.21
N ASP A 14 -15.70 -5.34 -5.25
CA ASP A 14 -16.76 -4.95 -6.20
C ASP A 14 -16.21 -4.49 -7.54
N ARG A 15 -14.90 -4.25 -7.59
CA ARG A 15 -14.29 -3.66 -8.80
C ARG A 15 -13.57 -4.71 -9.65
N LEU A 16 -13.68 -6.00 -9.25
CA LEU A 16 -13.17 -7.14 -10.07
C LEU A 16 -14.16 -8.34 -10.17
N GLY A 17 -14.76 -8.51 -11.35
CA GLY A 17 -15.89 -9.43 -11.50
C GLY A 17 -17.26 -8.79 -11.34
N ASP A 18 -18.23 -9.56 -10.87
CA ASP A 18 -19.65 -9.21 -10.99
C ASP A 18 -20.06 -8.13 -9.96
N GLY A 19 -19.15 -7.87 -9.01
CA GLY A 19 -19.43 -7.05 -7.83
C GLY A 19 -19.51 -7.70 -6.43
N THR A 20 -18.98 -8.91 -6.23
CA THR A 20 -19.04 -9.57 -4.89
C THR A 20 -17.79 -10.36 -4.46
N ILE A 21 -17.75 -10.72 -3.18
CA ILE A 21 -16.61 -11.47 -2.69
C ILE A 21 -16.52 -12.79 -3.43
N LYS A 22 -17.65 -13.48 -3.61
CA LYS A 22 -17.65 -14.73 -4.36
C LYS A 22 -17.20 -14.47 -5.82
N SER A 23 -17.72 -13.43 -6.47
CA SER A 23 -17.33 -13.21 -7.86
C SER A 23 -15.82 -12.95 -7.98
N MET A 24 -15.30 -12.20 -7.01
CA MET A 24 -13.87 -11.96 -6.85
C MET A 24 -13.09 -13.27 -6.72
N THR A 25 -13.50 -14.08 -5.75
CA THR A 25 -12.91 -15.42 -5.60
C THR A 25 -13.02 -16.22 -6.94
N ASP A 26 -14.14 -16.07 -7.70
CA ASP A 26 -14.29 -16.83 -8.95
C ASP A 26 -13.15 -16.44 -9.89
N ILE A 27 -13.10 -15.14 -10.24
CA ILE A 27 -12.06 -14.56 -11.13
C ILE A 27 -10.62 -14.93 -10.68
N LEU A 28 -10.40 -14.88 -9.38
CA LEU A 28 -9.10 -15.19 -8.81
C LEU A 28 -8.69 -16.63 -9.06
N ARG A 29 -9.66 -17.54 -8.88
CA ARG A 29 -9.37 -18.99 -9.03
C ARG A 29 -9.31 -19.43 -10.51
N THR A 30 -10.25 -18.96 -11.32
CA THR A 30 -10.34 -19.38 -12.72
C THR A 30 -9.28 -18.72 -13.64
N ARG A 31 -9.16 -17.40 -13.62
CA ARG A 31 -8.19 -16.71 -14.50
C ARG A 31 -6.77 -16.42 -13.96
N PHE A 32 -6.57 -16.44 -12.65
CA PHE A 32 -5.21 -16.31 -12.08
C PHE A 32 -4.50 -17.50 -11.39
N ASP A 33 -4.93 -18.76 -11.53
CA ASP A 33 -4.24 -19.80 -10.73
C ASP A 33 -2.73 -19.84 -10.94
N GLY A 34 -2.00 -20.05 -9.84
CA GLY A 34 -0.55 -20.19 -9.84
C GLY A 34 0.16 -18.85 -9.93
N VAL A 35 -0.59 -17.82 -10.32
CA VAL A 35 -0.12 -16.44 -10.53
C VAL A 35 -0.12 -15.62 -9.24
N TYR A 36 -1.31 -15.40 -8.69
CA TYR A 36 -1.47 -14.85 -7.36
C TYR A 36 -1.94 -15.95 -6.36
N ASP A 37 -1.05 -16.44 -5.48
CA ASP A 37 -1.38 -17.53 -4.55
C ASP A 37 -1.92 -16.99 -3.21
N GLY A 38 -2.05 -15.67 -3.16
CA GLY A 38 -2.48 -14.95 -1.97
C GLY A 38 -3.10 -13.65 -2.44
N VAL A 39 -3.87 -13.00 -1.57
CA VAL A 39 -4.63 -11.78 -1.92
C VAL A 39 -4.94 -10.82 -0.78
N HIS A 40 -4.87 -9.52 -1.07
CA HIS A 40 -5.28 -8.48 -0.12
C HIS A 40 -6.61 -7.86 -0.53
N ILE A 41 -7.61 -8.04 0.33
CA ILE A 41 -8.95 -7.57 0.07
C ILE A 41 -9.15 -6.23 0.78
N LEU A 42 -9.44 -5.18 0.00
CA LEU A 42 -9.58 -3.83 0.55
C LEU A 42 -10.93 -3.81 1.31
N PRO A 43 -11.09 -2.91 2.32
CA PRO A 43 -12.16 -3.02 3.32
C PRO A 43 -13.56 -3.23 2.72
N PHE A 44 -14.19 -4.31 3.21
CA PHE A 44 -15.47 -4.87 2.78
C PHE A 44 -16.57 -4.73 3.83
N PHE A 45 -16.30 -3.91 4.85
CA PHE A 45 -17.16 -3.75 6.04
C PHE A 45 -18.32 -2.80 5.78
N THR A 46 -19.04 -2.40 6.82
CA THR A 46 -20.30 -1.65 6.62
C THR A 46 -20.22 -0.11 6.89
N PRO A 47 -20.30 0.74 5.83
CA PRO A 47 -20.40 0.40 4.39
C PRO A 47 -19.06 0.37 3.68
N PHE A 48 -19.11 0.01 2.40
CA PHE A 48 -17.92 0.01 1.53
C PHE A 48 -17.84 1.17 0.53
N ASP A 49 -18.98 1.88 0.35
CA ASP A 49 -19.20 2.90 -0.72
C ASP A 49 -19.23 4.33 -0.17
N GLY A 50 -18.72 4.49 1.05
CA GLY A 50 -18.63 5.79 1.71
C GLY A 50 -17.63 6.82 1.14
N ALA A 51 -17.39 7.85 1.92
CA ALA A 51 -16.48 8.92 1.55
C ALA A 51 -15.07 8.47 1.06
N ASP A 52 -14.41 7.70 1.91
CA ASP A 52 -13.04 7.20 1.68
C ASP A 52 -12.94 5.73 1.09
N ALA A 53 -14.03 5.19 0.57
CA ALA A 53 -14.04 3.89 -0.16
C ALA A 53 -13.63 2.74 0.73
N GLY A 54 -14.30 2.64 1.87
CA GLY A 54 -14.08 1.55 2.78
C GLY A 54 -13.34 1.80 4.09
N PHE A 55 -12.53 2.87 4.17
CA PHE A 55 -11.69 3.12 5.35
C PHE A 55 -12.36 3.91 6.42
N ASP A 56 -13.62 4.25 6.15
CA ASP A 56 -14.48 4.93 7.11
C ASP A 56 -15.69 4.04 7.30
N PRO A 57 -15.48 2.82 7.84
CA PRO A 57 -16.64 1.97 8.09
C PRO A 57 -17.49 2.59 9.18
N ILE A 58 -18.81 2.33 9.20
CA ILE A 58 -19.68 2.53 10.38
C ILE A 58 -19.58 1.33 11.37
N ASP A 59 -19.70 0.09 10.85
CA ASP A 59 -19.42 -1.10 11.66
C ASP A 59 -18.32 -1.97 11.04
N HIS A 60 -17.14 -1.94 11.68
CA HIS A 60 -15.96 -2.69 11.25
C HIS A 60 -16.15 -4.20 11.33
N THR A 61 -17.11 -4.64 12.12
CA THR A 61 -17.21 -6.04 12.52
C THR A 61 -18.06 -6.87 11.55
N LYS A 62 -18.71 -6.18 10.60
CA LYS A 62 -19.71 -6.80 9.77
C LYS A 62 -19.45 -6.57 8.29
N VAL A 63 -19.51 -7.64 7.51
CA VAL A 63 -19.36 -7.49 6.08
C VAL A 63 -20.58 -6.75 5.50
N ASP A 64 -20.33 -5.94 4.47
CA ASP A 64 -21.41 -5.26 3.80
C ASP A 64 -22.21 -6.35 3.14
N GLU A 65 -23.50 -6.40 3.39
CA GLU A 65 -24.29 -7.51 2.91
C GLU A 65 -24.55 -7.42 1.41
N ARG A 66 -24.17 -6.33 0.79
CA ARG A 66 -24.15 -6.22 -0.67
C ARG A 66 -22.97 -6.98 -1.26
N LEU A 67 -21.85 -7.03 -0.52
CA LEU A 67 -20.67 -7.78 -0.92
C LEU A 67 -20.63 -9.28 -0.55
N GLY A 68 -21.28 -9.64 0.55
CA GLY A 68 -21.07 -10.98 1.02
C GLY A 68 -21.28 -11.10 2.50
N SER A 69 -20.51 -12.06 3.02
CA SER A 69 -20.41 -12.38 4.46
C SER A 69 -19.01 -12.87 4.83
N TRP A 70 -18.85 -13.15 6.11
CA TRP A 70 -17.61 -13.71 6.65
C TRP A 70 -17.31 -15.13 6.12
N ASP A 71 -18.37 -15.84 5.77
CA ASP A 71 -18.22 -17.20 5.26
C ASP A 71 -17.61 -17.21 3.87
N ASP A 72 -17.85 -16.15 3.09
CA ASP A 72 -17.16 -16.01 1.81
C ASP A 72 -15.65 -15.83 2.01
N VAL A 73 -15.32 -15.13 3.09
CA VAL A 73 -13.92 -14.95 3.44
C VAL A 73 -13.34 -16.31 3.77
N ALA A 74 -14.08 -17.04 4.60
CA ALA A 74 -13.60 -18.31 5.13
C ALA A 74 -13.48 -19.38 4.02
N GLU A 75 -14.42 -19.32 3.10
CA GLU A 75 -14.36 -20.12 1.89
C GLU A 75 -13.05 -19.86 1.16
N LEU A 76 -12.80 -18.58 0.87
CA LEU A 76 -11.57 -18.22 0.16
C LEU A 76 -10.26 -18.60 0.90
N SER A 77 -10.26 -18.59 2.24
CA SER A 77 -9.06 -19.05 2.97
C SER A 77 -8.51 -20.44 2.57
N LYS A 78 -9.33 -21.35 2.03
CA LYS A 78 -8.88 -22.75 1.82
C LYS A 78 -7.78 -22.82 0.73
N THR A 79 -8.00 -22.12 -0.38
CA THR A 79 -7.01 -21.98 -1.47
C THR A 79 -5.96 -20.87 -1.22
N HIS A 80 -6.44 -19.65 -1.02
CA HIS A 80 -5.58 -18.46 -0.90
C HIS A 80 -5.28 -17.92 0.52
N ASN A 81 -4.03 -17.53 0.76
CA ASN A 81 -3.71 -16.69 1.91
C ASN A 81 -4.39 -15.34 1.74
N ILE A 82 -4.85 -14.76 2.84
CA ILE A 82 -5.67 -13.55 2.80
C ILE A 82 -5.13 -12.50 3.74
N MET A 83 -4.99 -11.31 3.20
CA MET A 83 -4.65 -10.13 3.97
C MET A 83 -5.90 -9.24 4.05
N VAL A 84 -6.18 -8.75 5.25
CA VAL A 84 -7.31 -7.90 5.49
C VAL A 84 -6.83 -6.69 6.26
N ASP A 85 -7.61 -5.61 6.18
CA ASP A 85 -7.41 -4.38 6.95
C ASP A 85 -8.04 -4.27 8.35
N ALA A 86 -7.22 -3.87 9.33
CA ALA A 86 -7.72 -3.50 10.65
C ALA A 86 -7.42 -2.00 10.97
N ILE A 87 -8.49 -1.25 11.12
CA ILE A 87 -8.39 0.18 11.35
C ILE A 87 -8.31 0.45 12.80
N VAL A 88 -7.11 0.65 13.30
CA VAL A 88 -6.92 0.60 14.74
C VAL A 88 -7.00 1.95 15.44
N ASN A 89 -6.85 3.04 14.66
CA ASN A 89 -6.76 4.41 15.22
C ASN A 89 -8.06 5.14 15.54
N HIS A 90 -9.08 4.86 14.74
CA HIS A 90 -10.32 5.65 14.77
C HIS A 90 -11.56 4.86 14.34
N MET A 91 -12.72 5.51 14.46
CA MET A 91 -13.98 4.91 13.94
C MET A 91 -15.05 5.97 13.62
N SER A 92 -16.17 5.53 13.03
CA SER A 92 -17.27 6.43 12.68
C SER A 92 -17.83 7.14 13.88
N TRP A 93 -17.98 8.46 13.75
CA TRP A 93 -18.83 9.20 14.67
C TRP A 93 -20.31 8.73 14.63
N GLU A 94 -20.68 7.90 13.63
CA GLU A 94 -22.03 7.26 13.54
C GLU A 94 -22.04 5.78 14.09
N SER A 95 -20.90 5.34 14.65
CA SER A 95 -20.85 4.08 15.41
C SER A 95 -21.71 4.22 16.66
N LYS A 96 -22.27 3.12 17.13
CA LYS A 96 -23.15 3.13 18.30
C LYS A 96 -22.41 3.59 19.56
N GLN A 97 -21.14 3.18 19.65
CA GLN A 97 -20.32 3.57 20.78
C GLN A 97 -20.23 5.10 20.95
N PHE A 98 -19.93 5.80 19.85
CA PHE A 98 -19.77 7.25 19.90
C PHE A 98 -21.09 8.02 20.09
N GLN A 99 -22.14 7.56 19.42
CA GLN A 99 -23.51 8.02 19.59
C GLN A 99 -23.97 7.88 21.05
N ASP A 100 -23.55 6.79 21.67
CA ASP A 100 -23.85 6.59 23.07
C ASP A 100 -23.14 7.62 23.98
N VAL A 101 -21.83 7.84 23.73
CA VAL A 101 -21.11 8.93 24.43
C VAL A 101 -21.72 10.32 24.20
N LEU A 102 -22.17 10.54 22.97
CA LEU A 102 -22.88 11.77 22.62
C LEU A 102 -24.17 12.01 23.43
N ALA A 103 -25.00 10.98 23.51
CA ALA A 103 -26.18 11.00 24.36
C ALA A 103 -25.94 11.08 25.90
N LYS A 104 -25.19 10.13 26.46
CA LYS A 104 -25.05 10.01 27.92
C LYS A 104 -23.85 10.74 28.47
N GLY A 105 -23.05 11.32 27.58
CA GLY A 105 -21.88 12.07 27.98
C GLY A 105 -20.93 11.22 28.78
N GLU A 106 -20.63 11.71 29.96
CA GLU A 106 -19.75 11.03 30.90
C GLU A 106 -20.38 9.80 31.50
N GLU A 107 -21.71 9.75 31.52
CA GLU A 107 -22.40 8.77 32.35
C GLU A 107 -21.98 7.38 31.89
N SER A 108 -21.92 7.13 30.57
CA SER A 108 -21.49 5.79 30.12
C SER A 108 -21.33 5.52 28.60
N GLU A 109 -21.05 4.26 28.28
CA GLU A 109 -20.15 3.34 29.00
C GLU A 109 -18.87 3.32 28.19
N TYR A 110 -18.98 3.98 27.02
CA TYR A 110 -17.97 4.01 25.99
C TYR A 110 -17.19 5.32 26.07
N TYR A 111 -17.55 6.14 27.05
CA TYR A 111 -17.00 7.47 27.14
C TYR A 111 -15.44 7.47 27.11
N PRO A 112 -14.79 6.56 27.86
CA PRO A 112 -13.32 6.45 27.90
C PRO A 112 -12.68 5.89 26.64
N MET A 113 -13.50 5.31 25.77
CA MET A 113 -13.02 4.72 24.52
C MET A 113 -12.42 5.81 23.59
N PHE A 114 -12.82 7.05 23.82
CA PHE A 114 -12.63 8.14 22.85
C PHE A 114 -11.72 9.30 23.36
N LEU A 115 -10.77 9.69 22.51
CA LEU A 115 -9.80 10.72 22.87
C LEU A 115 -10.32 12.13 22.69
N THR A 116 -10.08 12.97 23.69
CA THR A 116 -10.27 14.40 23.57
C THR A 116 -8.94 15.16 23.85
N MET A 117 -8.97 16.48 23.68
CA MET A 117 -7.83 17.34 24.03
C MET A 117 -7.47 17.22 25.55
N SER A 118 -8.47 17.22 26.43
CA SER A 118 -8.28 16.93 27.86
C SER A 118 -7.69 15.54 28.13
N SER A 119 -8.10 14.52 27.37
CA SER A 119 -7.56 13.16 27.58
C SER A 119 -6.03 13.20 27.56
N VAL A 120 -5.42 13.80 26.52
CA VAL A 120 -3.96 13.88 26.41
C VAL A 120 -3.32 15.04 27.23
N PHE A 121 -4.01 16.18 27.30
CA PHE A 121 -3.46 17.44 27.84
C PHE A 121 -4.29 17.96 29.02
N PRO A 122 -4.22 17.29 30.16
CA PRO A 122 -5.01 17.66 31.34
C PRO A 122 -4.63 19.00 32.00
N ASN A 123 -3.33 19.24 32.16
CA ASN A 123 -2.79 20.59 32.30
C ASN A 123 -2.76 21.08 30.86
N GLY A 124 -2.85 22.38 30.63
CA GLY A 124 -3.15 22.85 29.28
C GLY A 124 -2.08 22.43 28.29
N ALA A 125 -2.32 22.77 27.04
CA ALA A 125 -1.29 22.59 26.05
C ALA A 125 -0.72 23.96 25.67
N THR A 126 0.59 23.97 25.50
CA THR A 126 1.35 25.09 24.99
C THR A 126 1.04 25.27 23.51
N GLU A 127 1.66 26.27 22.89
CA GLU A 127 1.53 26.40 21.45
C GLU A 127 2.37 25.28 20.84
N GLU A 128 3.48 25.00 21.52
CA GLU A 128 4.47 24.05 21.00
C GLU A 128 3.95 22.64 21.14
N ASP A 129 3.14 22.44 22.17
CA ASP A 129 2.49 21.17 22.38
C ASP A 129 1.76 20.82 21.08
N LEU A 130 0.74 21.59 20.74
CA LEU A 130 -0.10 21.37 19.55
C LEU A 130 0.60 21.51 18.18
N ALA A 131 1.57 22.43 18.11
CA ALA A 131 2.22 22.78 16.84
C ALA A 131 3.09 21.68 16.29
N GLY A 132 3.72 20.95 17.20
CA GLY A 132 4.62 19.85 16.85
C GLY A 132 3.98 18.52 16.39
N ILE A 133 2.66 18.40 16.47
CA ILE A 133 1.93 17.21 16.08
C ILE A 133 1.97 16.96 14.54
N TYR A 134 2.32 15.72 14.17
CA TYR A 134 2.42 15.30 12.76
C TYR A 134 0.99 15.22 12.12
N ARG A 135 0.79 15.91 11.01
CA ARG A 135 -0.54 16.05 10.41
C ARG A 135 -0.53 15.51 8.98
N PRO A 136 -1.33 14.45 8.68
CA PRO A 136 -1.62 14.06 7.30
C PRO A 136 -2.60 15.04 6.64
N ARG A 137 -3.39 15.71 7.48
CA ARG A 137 -4.40 16.69 7.06
C ARG A 137 -4.16 18.05 7.75
N PRO A 138 -4.65 19.17 7.16
CA PRO A 138 -4.48 20.53 7.71
C PRO A 138 -5.28 20.90 8.96
N GLY A 139 -4.72 21.84 9.70
CA GLY A 139 -5.36 22.37 10.88
C GLY A 139 -4.86 21.70 12.15
N LEU A 140 -5.69 21.79 13.18
CA LEU A 140 -5.52 21.03 14.41
C LEU A 140 -6.30 19.71 14.41
N PRO A 141 -5.79 18.72 15.15
CA PRO A 141 -6.51 17.44 15.10
C PRO A 141 -7.67 17.45 16.07
N PHE A 142 -8.51 18.52 16.02
CA PHE A 142 -9.66 18.63 16.92
C PHE A 142 -10.89 19.14 16.25
N THR A 143 -12.03 18.60 16.69
CA THR A 143 -13.30 19.18 16.27
C THR A 143 -14.35 19.19 17.36
N HIS A 144 -15.43 19.93 17.09
CA HIS A 144 -16.51 20.19 18.05
C HIS A 144 -17.59 19.13 17.97
N TYR A 145 -17.92 18.61 19.15
CA TYR A 145 -19.03 17.68 19.32
C TYR A 145 -19.59 17.87 20.72
N LYS A 146 -20.82 17.42 20.95
CA LYS A 146 -21.44 17.69 22.24
C LYS A 146 -21.72 16.40 23.00
N PHE A 147 -21.14 16.33 24.19
CA PHE A 147 -21.33 15.19 25.10
C PHE A 147 -22.44 15.48 26.09
N ALA A 148 -23.51 14.72 25.96
CA ALA A 148 -24.77 15.10 26.58
C ALA A 148 -24.91 16.54 26.08
N GLY A 149 -24.84 17.54 26.96
CA GLY A 149 -25.02 18.89 26.51
C GLY A 149 -23.75 19.70 26.36
N LYS A 150 -22.64 19.17 26.87
CA LYS A 150 -21.42 19.96 27.04
C LYS A 150 -20.58 19.88 25.76
N THR A 151 -20.00 21.01 25.36
CA THR A 151 -19.29 21.07 24.10
C THR A 151 -17.87 20.64 24.35
N ARG A 152 -17.39 19.74 23.49
CA ARG A 152 -16.09 19.09 23.64
C ARG A 152 -15.28 19.12 22.32
N LEU A 153 -13.95 19.20 22.49
CA LEU A 153 -12.99 19.04 21.39
C LEU A 153 -12.59 17.56 21.37
N VAL A 154 -12.83 16.89 20.25
CA VAL A 154 -12.56 15.47 20.12
C VAL A 154 -11.41 15.32 19.16
N TRP A 155 -10.40 14.54 19.56
CA TRP A 155 -9.21 14.29 18.74
C TRP A 155 -9.59 13.72 17.39
N VAL A 156 -9.17 14.37 16.31
CA VAL A 156 -9.36 13.76 15.01
C VAL A 156 -8.13 13.88 14.14
N SER A 157 -7.69 12.73 13.73
CA SER A 157 -6.45 12.64 13.00
C SER A 157 -6.70 13.05 11.57
N PHE A 158 -7.78 12.54 10.97
CA PHE A 158 -7.98 12.74 9.54
C PHE A 158 -9.20 13.64 9.23
N THR A 159 -10.40 13.06 9.19
CA THR A 159 -11.63 13.88 9.06
C THR A 159 -12.35 14.05 10.38
N PRO A 160 -13.08 15.16 10.51
CA PRO A 160 -13.96 15.29 11.69
C PRO A 160 -14.91 14.10 11.85
N GLN A 161 -15.14 13.30 10.81
CA GLN A 161 -16.09 12.16 10.89
C GLN A 161 -15.50 10.84 11.48
N GLN A 162 -14.16 10.78 11.53
CA GLN A 162 -13.43 9.64 12.04
C GLN A 162 -12.73 10.00 13.35
N VAL A 163 -13.33 9.51 14.44
CA VAL A 163 -12.94 9.86 15.81
C VAL A 163 -11.96 8.86 16.41
N ASP A 164 -10.97 9.40 17.12
CA ASP A 164 -9.77 8.66 17.41
C ASP A 164 -10.01 7.92 18.72
N ILE A 165 -9.61 6.66 18.81
CA ILE A 165 -9.86 5.93 20.04
C ILE A 165 -8.60 5.90 20.84
N ASP A 166 -8.81 5.93 22.14
CA ASP A 166 -7.76 5.76 23.13
C ASP A 166 -7.46 4.30 23.21
N THR A 167 -6.30 3.92 22.71
CA THR A 167 -6.02 2.53 22.50
C THR A 167 -5.57 1.83 23.80
N ASP A 168 -5.06 2.60 24.76
CA ASP A 168 -4.68 2.03 26.06
C ASP A 168 -5.89 1.74 26.98
N SER A 169 -7.07 2.28 26.64
CA SER A 169 -8.32 2.01 27.38
C SER A 169 -8.95 0.63 27.12
N ASP A 170 -9.82 0.24 28.04
CA ASP A 170 -10.40 -1.11 28.04
C ASP A 170 -11.47 -1.28 26.99
N LYS A 171 -12.28 -0.26 26.76
CA LYS A 171 -13.31 -0.41 25.76
C LYS A 171 -12.67 -0.34 24.36
N GLY A 172 -11.57 0.40 24.27
CA GLY A 172 -10.93 0.61 22.99
C GLY A 172 -10.22 -0.62 22.53
N TRP A 173 -9.61 -1.25 23.53
CA TRP A 173 -8.88 -2.50 23.36
C TRP A 173 -9.89 -3.66 23.15
N GLU A 174 -10.97 -3.63 23.93
CA GLU A 174 -12.05 -4.60 23.81
C GLU A 174 -12.60 -4.59 22.36
N TYR A 175 -12.80 -3.37 21.83
CA TYR A 175 -13.17 -3.15 20.43
C TYR A 175 -12.16 -3.66 19.36
N LEU A 176 -10.88 -3.31 19.52
CA LEU A 176 -9.88 -3.85 18.58
C LEU A 176 -9.84 -5.38 18.55
N MET A 177 -10.03 -5.95 19.74
CA MET A 177 -10.05 -7.42 19.89
C MET A 177 -11.33 -8.08 19.35
N SER A 178 -12.48 -7.39 19.44
CA SER A 178 -13.64 -7.86 18.67
C SER A 178 -13.22 -7.98 17.18
N ILE A 179 -12.49 -6.97 16.68
CA ILE A 179 -12.05 -7.08 15.27
C ILE A 179 -11.07 -8.25 14.98
N PHE A 180 -10.03 -8.42 15.78
CA PHE A 180 -9.13 -9.57 15.59
C PHE A 180 -9.85 -10.93 15.71
N ASP A 181 -10.76 -11.03 16.68
CA ASP A 181 -11.43 -12.31 16.95
C ASP A 181 -12.18 -12.71 15.68
N GLN A 182 -12.93 -11.77 15.11
CA GLN A 182 -13.59 -12.03 13.82
C GLN A 182 -12.60 -12.31 12.68
N MET A 183 -11.51 -11.53 12.60
CA MET A 183 -10.44 -11.83 11.63
C MET A 183 -9.95 -13.28 11.72
N ALA A 184 -9.56 -13.74 12.91
CA ALA A 184 -9.08 -15.13 13.06
C ALA A 184 -10.17 -16.20 12.80
N ALA A 185 -11.40 -15.93 13.23
CA ALA A 185 -12.46 -16.86 12.97
C ALA A 185 -12.60 -17.21 11.48
N SER A 186 -12.50 -16.22 10.58
CA SER A 186 -12.63 -16.50 9.13
C SER A 186 -11.28 -16.85 8.47
N HIS A 187 -10.21 -17.06 9.27
CA HIS A 187 -8.91 -17.59 8.81
C HIS A 187 -8.09 -16.65 7.92
N VAL A 188 -8.03 -15.42 8.38
CA VAL A 188 -7.18 -14.44 7.76
C VAL A 188 -5.74 -14.80 8.13
N SER A 189 -4.81 -14.71 7.20
CA SER A 189 -3.42 -14.88 7.52
C SER A 189 -2.82 -13.58 8.07
N TYR A 190 -2.92 -12.50 7.27
CA TYR A 190 -2.12 -11.26 7.43
C TYR A 190 -2.93 -9.97 7.67
N ILE A 191 -2.62 -9.22 8.75
CA ILE A 191 -3.32 -7.97 9.07
C ILE A 191 -2.54 -6.67 8.84
N ARG A 192 -3.12 -5.83 7.99
CA ARG A 192 -2.64 -4.48 7.76
C ARG A 192 -3.24 -3.53 8.79
N LEU A 193 -2.36 -2.98 9.62
CA LEU A 193 -2.73 -2.09 10.73
C LEU A 193 -2.74 -0.63 10.29
N ASP A 194 -3.96 -0.10 10.18
CA ASP A 194 -4.15 1.18 9.53
C ASP A 194 -4.15 2.33 10.49
N ALA A 195 -3.36 3.35 10.09
CA ALA A 195 -3.19 4.59 10.83
C ALA A 195 -2.60 4.26 12.18
N VAL A 196 -1.83 3.18 12.24
CA VAL A 196 -1.27 2.76 13.51
C VAL A 196 -0.15 3.73 13.95
N GLY A 197 0.59 4.33 13.00
CA GLY A 197 1.53 5.41 13.32
C GLY A 197 0.98 6.51 14.28
N TYR A 198 -0.31 6.84 14.09
CA TYR A 198 -1.02 7.93 14.76
C TYR A 198 -1.72 7.48 16.03
N GLY A 199 -1.59 6.19 16.35
CA GLY A 199 -2.44 5.56 17.35
C GLY A 199 -2.18 5.83 18.82
N ALA A 200 -1.00 6.36 19.11
CA ALA A 200 -0.62 6.63 20.48
C ALA A 200 -0.29 8.12 20.71
N LYS A 201 -1.04 8.73 21.61
CA LYS A 201 -0.86 10.14 21.91
C LYS A 201 -0.23 10.36 23.29
N GLU A 202 0.94 11.02 23.29
CA GLU A 202 1.55 11.52 24.53
C GLU A 202 1.98 13.00 24.46
N ALA A 203 1.62 13.79 25.48
CA ALA A 203 2.02 15.21 25.51
C ALA A 203 3.52 15.47 25.27
N GLY A 204 3.78 16.41 24.37
CA GLY A 204 5.09 16.94 24.15
C GLY A 204 5.76 16.23 23.02
N THR A 205 5.07 15.21 22.52
CA THR A 205 5.55 14.48 21.36
C THR A 205 4.82 14.89 20.09
N SER A 206 5.35 14.42 18.96
CA SER A 206 4.72 14.60 17.65
C SER A 206 3.49 13.67 17.50
N CYS A 207 3.30 12.83 18.52
CA CYS A 207 2.22 11.85 18.59
C CYS A 207 2.25 10.88 17.39
N PHE A 208 3.40 10.76 16.72
CA PHE A 208 3.56 9.90 15.53
C PHE A 208 4.85 9.03 15.59
N MET A 209 4.70 7.72 15.70
CA MET A 209 5.84 6.79 15.82
C MET A 209 6.77 7.19 16.98
N THR A 210 6.15 7.32 18.15
CA THR A 210 6.85 7.48 19.40
C THR A 210 7.01 6.13 20.10
N PRO A 211 7.62 6.11 21.29
CA PRO A 211 7.68 4.85 22.04
C PRO A 211 6.31 4.18 22.33
N LYS A 212 5.34 4.96 22.82
CA LYS A 212 4.04 4.44 23.22
C LYS A 212 3.36 3.68 22.05
N THR A 213 3.77 4.07 20.83
CA THR A 213 3.24 3.53 19.59
C THR A 213 3.82 2.14 19.24
N PHE A 214 5.14 2.03 19.47
CA PHE A 214 5.86 0.78 19.33
C PHE A 214 5.37 -0.17 20.37
N LYS A 215 5.25 0.35 21.58
CA LYS A 215 4.62 -0.40 22.67
C LYS A 215 3.26 -0.99 22.24
N LEU A 216 2.40 -0.15 21.62
CA LEU A 216 1.10 -0.61 21.05
C LEU A 216 1.16 -1.65 19.95
N ILE A 217 2.08 -1.42 19.02
CA ILE A 217 2.36 -2.35 17.94
C ILE A 217 2.82 -3.70 18.49
N SER A 218 3.81 -3.72 19.36
CA SER A 218 4.31 -4.97 19.93
C SER A 218 3.20 -5.65 20.73
N ARG A 219 2.41 -4.88 21.49
CA ARG A 219 1.23 -5.46 22.13
C ARG A 219 0.22 -6.12 21.15
N LEU A 220 -0.11 -5.40 20.08
CA LEU A 220 -0.91 -5.97 18.99
C LEU A 220 -0.23 -7.17 18.31
N ARG A 221 1.10 -7.16 18.18
CA ARG A 221 1.83 -8.29 17.57
C ARG A 221 1.59 -9.57 18.38
N GLU A 222 1.98 -9.53 19.65
CA GLU A 222 1.77 -10.66 20.53
C GLU A 222 0.29 -11.11 20.48
N GLU A 223 -0.67 -10.17 20.57
CA GLU A 223 -2.09 -10.56 20.44
C GLU A 223 -2.44 -11.22 19.12
N GLY A 224 -1.81 -10.80 18.04
CA GLY A 224 -1.99 -11.47 16.77
C GLY A 224 -1.40 -12.86 16.70
N VAL A 225 -0.13 -13.04 17.09
CA VAL A 225 0.52 -14.33 16.91
C VAL A 225 -0.33 -15.36 17.68
N LYS A 226 -0.83 -14.92 18.84
CA LYS A 226 -1.78 -15.74 19.60
C LYS A 226 -2.97 -16.26 18.77
N ARG A 227 -3.41 -15.49 17.77
CA ARG A 227 -4.46 -15.93 16.82
C ARG A 227 -3.94 -16.41 15.43
N GLY A 228 -2.63 -16.47 15.25
CA GLY A 228 -2.09 -16.80 13.93
C GLY A 228 -2.38 -15.73 12.87
N LEU A 229 -1.98 -14.49 13.20
CA LEU A 229 -2.08 -13.30 12.35
C LEU A 229 -0.73 -12.52 12.34
N GLU A 230 -0.09 -12.35 11.18
CA GLU A 230 1.11 -11.52 11.13
C GLU A 230 0.74 -10.08 10.80
N ILE A 231 1.43 -9.16 11.46
CA ILE A 231 1.16 -7.73 11.42
C ILE A 231 2.00 -6.99 10.40
N LEU A 232 1.34 -6.05 9.75
CA LEU A 232 1.95 -5.19 8.74
C LEU A 232 1.51 -3.73 8.92
N ILE A 233 2.48 -2.84 9.03
CA ILE A 233 2.18 -1.42 9.21
C ILE A 233 2.26 -0.62 7.88
N GLU A 234 1.40 0.38 7.72
CA GLU A 234 1.43 1.25 6.53
C GLU A 234 1.79 2.68 6.95
N VAL A 235 2.96 3.08 6.47
CA VAL A 235 3.59 4.29 6.91
C VAL A 235 4.20 4.96 5.67
N HIS A 236 3.72 6.16 5.37
CA HIS A 236 4.33 7.02 4.37
C HIS A 236 5.12 8.08 5.12
N SER A 237 6.44 8.05 4.97
CA SER A 237 7.27 9.04 5.60
C SER A 237 8.68 9.19 5.04
N TYR A 238 9.46 10.03 5.69
CA TYR A 238 10.84 10.23 5.28
C TYR A 238 11.55 8.91 5.42
N TYR A 239 12.37 8.57 4.44
CA TYR A 239 12.84 7.19 4.26
C TYR A 239 13.75 6.67 5.36
N LYS A 240 14.40 7.58 6.06
CA LYS A 240 15.29 7.20 7.14
C LYS A 240 14.47 6.80 8.36
N LYS A 241 13.36 7.52 8.58
CA LYS A 241 12.38 7.10 9.56
C LYS A 241 11.78 5.75 9.19
N GLN A 242 11.59 5.52 7.90
CA GLN A 242 11.11 4.24 7.45
C GLN A 242 12.10 3.12 7.83
N VAL A 243 13.38 3.28 7.50
CA VAL A 243 14.38 2.29 7.93
C VAL A 243 14.47 2.19 9.47
N GLU A 244 14.29 3.32 10.15
CA GLU A 244 14.23 3.31 11.61
C GLU A 244 13.10 2.39 12.12
N ILE A 245 11.88 2.73 11.72
CA ILE A 245 10.64 1.99 12.01
C ILE A 245 10.72 0.55 11.68
N ALA A 246 11.27 0.28 10.50
CA ALA A 246 11.24 -1.05 9.95
C ALA A 246 11.99 -2.07 10.82
N SER A 247 12.94 -1.58 11.61
CA SER A 247 13.77 -2.43 12.45
C SER A 247 12.99 -3.01 13.63
N LYS A 248 12.07 -2.20 14.14
CA LYS A 248 11.37 -2.52 15.36
C LYS A 248 9.99 -3.20 15.15
N VAL A 249 9.64 -3.49 13.90
CA VAL A 249 8.39 -4.19 13.60
C VAL A 249 8.62 -5.44 12.76
N ASP A 250 7.56 -6.23 12.54
CA ASP A 250 7.71 -7.43 11.72
C ASP A 250 7.81 -7.12 10.22
N ARG A 251 6.86 -6.36 9.65
CA ARG A 251 6.91 -5.97 8.22
C ARG A 251 6.41 -4.55 7.94
N VAL A 252 6.87 -4.05 6.79
CA VAL A 252 6.58 -2.73 6.30
C VAL A 252 6.43 -2.70 4.77
N TYR A 253 5.80 -1.66 4.22
CA TYR A 253 5.82 -1.44 2.76
C TYR A 253 7.16 -0.90 2.26
N ASP A 254 7.52 -1.25 1.03
CA ASP A 254 8.62 -0.57 0.35
C ASP A 254 8.02 0.53 -0.57
N PHE A 255 8.06 1.79 -0.12
CA PHE A 255 7.30 2.84 -0.81
C PHE A 255 8.21 3.70 -1.71
N ALA A 256 9.51 3.50 -1.56
CA ALA A 256 10.56 4.20 -2.29
C ALA A 256 10.65 3.73 -3.75
N LEU A 257 10.60 2.41 -3.93
CA LEU A 257 10.83 1.76 -5.21
C LEU A 257 9.96 2.24 -6.38
N PRO A 258 8.66 2.38 -6.19
CA PRO A 258 7.94 2.80 -7.39
C PRO A 258 8.42 4.13 -7.98
N PRO A 259 8.52 5.18 -7.13
CA PRO A 259 9.04 6.42 -7.74
C PRO A 259 10.49 6.28 -8.21
N LEU A 260 11.32 5.56 -7.47
CA LEU A 260 12.68 5.32 -7.94
C LEU A 260 12.69 4.72 -9.34
N LEU A 261 11.79 3.81 -9.62
CA LEU A 261 11.79 3.17 -10.93
C LEU A 261 11.28 4.13 -11.98
N LEU A 262 10.34 4.99 -11.59
CA LEU A 262 9.87 6.02 -12.52
C LEU A 262 11.02 6.90 -12.95
N HIS A 263 11.78 7.41 -11.97
CA HIS A 263 13.06 8.13 -12.23
C HIS A 263 13.99 7.36 -13.19
N ALA A 264 14.45 6.18 -12.80
CA ALA A 264 15.40 5.41 -13.62
C ALA A 264 14.90 5.13 -15.04
N LEU A 265 13.60 4.96 -15.21
CA LEU A 265 13.14 4.69 -16.56
C LEU A 265 13.06 5.98 -17.33
N SER A 266 12.77 7.08 -16.61
CA SER A 266 12.83 8.45 -17.14
C SER A 266 14.27 8.90 -17.56
N THR A 267 15.27 8.63 -16.72
CA THR A 267 16.65 9.12 -16.91
C THR A 267 17.66 8.07 -17.39
N GLY A 268 17.82 7.00 -16.62
CA GLY A 268 18.83 5.99 -16.92
C GLY A 268 19.94 6.01 -15.89
N HIS A 269 19.75 6.84 -14.86
CA HIS A 269 20.65 6.88 -13.72
C HIS A 269 20.21 5.77 -12.73
N VAL A 270 21.04 4.75 -12.51
CA VAL A 270 20.70 3.68 -11.54
C VAL A 270 21.38 3.74 -10.15
N GLU A 271 22.31 4.67 -9.90
CA GLU A 271 22.96 4.74 -8.59
C GLU A 271 21.90 4.65 -7.48
N PRO A 272 20.91 5.58 -7.52
CA PRO A 272 19.93 5.72 -6.44
C PRO A 272 19.34 4.39 -5.99
N VAL A 273 19.21 3.52 -6.98
CA VAL A 273 18.65 2.21 -6.78
C VAL A 273 19.68 1.26 -6.19
N ALA A 274 20.96 1.40 -6.53
CA ALA A 274 21.98 0.52 -5.97
C ALA A 274 22.15 0.89 -4.50
N HIS A 275 21.98 2.19 -4.26
CA HIS A 275 21.96 2.76 -2.90
C HIS A 275 20.82 2.13 -2.15
N TRP A 276 19.60 2.31 -2.63
CA TRP A 276 18.43 1.72 -1.96
C TRP A 276 18.59 0.23 -1.76
N THR A 277 19.07 -0.49 -2.77
CA THR A 277 19.27 -1.93 -2.63
C THR A 277 20.20 -2.17 -1.44
N ASP A 278 21.29 -1.42 -1.39
CA ASP A 278 22.20 -1.59 -0.25
C ASP A 278 21.41 -1.28 1.05
N ILE A 279 20.87 -0.07 1.19
CA ILE A 279 20.22 0.32 2.46
C ILE A 279 18.74 -0.10 2.75
N ARG A 280 17.99 -0.68 1.79
CA ARG A 280 16.55 -0.92 2.07
C ARG A 280 16.31 -2.03 3.09
N PRO A 281 15.26 -1.88 3.92
CA PRO A 281 14.81 -3.00 4.77
C PRO A 281 14.13 -4.15 3.96
N ASN A 282 14.57 -5.37 4.24
CA ASN A 282 14.19 -6.55 3.47
C ASN A 282 13.05 -7.35 4.11
N ASN A 283 12.52 -6.84 5.22
CA ASN A 283 11.28 -7.38 5.73
C ASN A 283 10.23 -6.42 5.21
N ALA A 284 9.79 -6.72 3.99
CA ALA A 284 9.05 -5.76 3.22
C ALA A 284 7.97 -6.45 2.44
N VAL A 285 6.99 -5.63 2.10
CA VAL A 285 6.11 -5.91 1.02
C VAL A 285 6.46 -4.97 -0.15
N THR A 286 6.71 -5.51 -1.33
CA THR A 286 6.96 -4.64 -2.46
C THR A 286 5.69 -4.39 -3.29
N VAL A 287 5.61 -3.19 -3.82
CA VAL A 287 4.51 -2.80 -4.67
C VAL A 287 5.06 -1.88 -5.74
N LEU A 288 4.27 -1.66 -6.79
CA LEU A 288 4.44 -0.53 -7.72
C LEU A 288 3.25 0.38 -7.54
N ASP A 289 2.06 -0.09 -7.95
CA ASP A 289 0.79 0.61 -7.74
C ASP A 289 0.07 0.13 -6.47
N THR A 290 -0.68 1.04 -5.85
CA THR A 290 -1.59 0.70 -4.76
C THR A 290 -2.93 1.30 -5.07
N HIS A 291 -3.81 1.31 -4.10
CA HIS A 291 -5.11 1.90 -4.35
C HIS A 291 -5.23 3.44 -4.08
N ASP A 292 -4.17 4.00 -3.46
CA ASP A 292 -3.94 5.43 -3.28
C ASP A 292 -3.00 5.84 -4.43
N GLY A 293 -2.58 7.11 -4.49
CA GLY A 293 -1.74 7.55 -5.59
C GLY A 293 -0.29 7.18 -5.39
N ILE A 294 0.55 7.56 -6.35
CA ILE A 294 1.99 7.36 -6.25
C ILE A 294 2.54 8.40 -5.30
N GLY A 295 3.04 7.91 -4.16
CA GLY A 295 3.58 8.76 -3.10
C GLY A 295 4.96 9.22 -3.47
N VAL A 296 5.10 10.54 -3.58
CA VAL A 296 6.41 11.13 -3.84
C VAL A 296 7.10 11.64 -2.56
N ILE A 297 6.35 11.66 -1.46
CA ILE A 297 6.86 12.19 -0.20
C ILE A 297 7.89 11.22 0.38
N ASP A 298 7.80 9.97 -0.07
CA ASP A 298 8.62 8.88 0.46
C ASP A 298 10.11 9.12 0.13
N ILE A 299 10.39 9.43 -1.12
CA ILE A 299 11.78 9.70 -1.51
C ILE A 299 12.23 11.17 -1.43
N GLY A 300 11.32 12.06 -1.04
CA GLY A 300 11.60 13.49 -1.03
C GLY A 300 12.28 14.01 0.21
N SER A 301 12.28 15.31 0.35
CA SER A 301 12.78 15.93 1.55
C SER A 301 11.71 15.82 2.62
N ASP A 302 12.15 15.85 3.88
CA ASP A 302 11.26 15.69 5.02
C ASP A 302 10.22 16.78 5.02
N GLN A 303 9.04 16.47 5.55
CA GLN A 303 7.93 17.43 5.55
C GLN A 303 8.21 18.65 6.47
N LEU A 304 8.63 18.40 7.73
CA LEU A 304 8.82 19.46 8.74
C LEU A 304 10.14 20.21 8.56
N ASP A 305 11.19 19.47 8.24
CA ASP A 305 12.51 20.05 8.03
C ASP A 305 13.02 19.85 6.61
N ARG A 306 12.98 20.88 5.79
CA ARG A 306 13.31 20.77 4.35
C ARG A 306 14.80 20.41 4.11
N SER A 307 15.59 20.39 5.17
CA SER A 307 17.04 20.24 5.05
C SER A 307 17.46 18.81 4.83
N LEU A 308 16.63 17.86 5.29
CA LEU A 308 16.96 16.45 5.13
C LEU A 308 16.57 16.00 3.71
N LYS A 309 17.58 15.61 2.95
CA LYS A 309 17.39 15.39 1.52
C LYS A 309 17.29 13.90 1.24
N GLY A 310 16.45 13.57 0.27
CA GLY A 310 16.13 12.20 -0.06
C GLY A 310 17.21 11.50 -0.83
N LEU A 311 16.77 10.52 -1.60
CA LEU A 311 17.64 9.68 -2.43
C LEU A 311 17.85 10.31 -3.82
N VAL A 312 17.19 11.46 -4.04
CA VAL A 312 17.54 12.41 -5.12
C VAL A 312 17.36 13.88 -4.70
N PRO A 313 17.93 14.83 -5.47
CA PRO A 313 17.69 16.27 -5.25
C PRO A 313 16.24 16.70 -5.44
N ASP A 314 15.87 17.84 -4.86
CA ASP A 314 14.50 18.35 -4.92
C ASP A 314 14.06 18.61 -6.36
N GLU A 315 15.04 18.94 -7.20
CA GLU A 315 14.79 19.18 -8.64
C GLU A 315 14.42 17.88 -9.34
N ASP A 316 14.98 16.77 -8.89
CA ASP A 316 14.68 15.49 -9.54
C ASP A 316 13.30 14.95 -9.15
N VAL A 317 12.83 15.34 -7.95
CA VAL A 317 11.44 15.09 -7.52
C VAL A 317 10.45 15.96 -8.29
N ASP A 318 10.76 17.26 -8.39
CA ASP A 318 10.02 18.12 -9.31
C ASP A 318 9.96 17.50 -10.75
N ASN A 319 11.09 17.04 -11.28
CA ASN A 319 11.10 16.54 -12.67
C ASN A 319 10.37 15.18 -12.75
N LEU A 320 10.28 14.47 -11.63
CA LEU A 320 9.41 13.30 -11.57
C LEU A 320 7.91 13.59 -11.60
N VAL A 321 7.46 14.51 -10.76
CA VAL A 321 6.04 14.85 -10.73
C VAL A 321 5.64 15.35 -12.12
N ASN A 322 6.52 16.21 -12.69
CA ASN A 322 6.27 16.77 -14.05
C ASN A 322 6.48 15.77 -15.22
N THR A 323 7.39 14.80 -15.09
CA THR A 323 7.54 13.71 -16.08
C THR A 323 6.28 12.82 -16.11
N ILE A 324 5.67 12.59 -14.95
CA ILE A 324 4.37 11.89 -14.93
C ILE A 324 3.35 12.74 -15.63
N HIS A 325 3.23 13.99 -15.18
CA HIS A 325 2.26 14.91 -15.80
C HIS A 325 2.37 14.93 -17.34
N ALA A 326 3.60 14.95 -17.83
CA ALA A 326 3.85 14.92 -19.27
C ALA A 326 3.53 13.59 -19.95
N ASN A 327 3.97 12.46 -19.38
CA ASN A 327 3.79 11.15 -20.04
C ASN A 327 2.32 10.75 -20.18
N THR A 328 1.49 11.20 -19.23
CA THR A 328 0.01 11.08 -19.31
C THR A 328 -0.72 12.24 -19.99
N HIS A 329 0.03 13.19 -20.59
CA HIS A 329 -0.53 14.34 -21.32
C HIS A 329 -1.67 15.04 -20.54
N GLY A 330 -1.37 15.40 -19.28
CA GLY A 330 -2.24 16.20 -18.41
C GLY A 330 -3.37 15.55 -17.62
N GLU A 331 -3.42 14.22 -17.53
CA GLU A 331 -4.51 13.54 -16.85
C GLU A 331 -4.33 13.55 -15.35
N SER A 332 -3.08 13.36 -14.95
CA SER A 332 -2.69 13.48 -13.57
C SER A 332 -2.92 14.94 -13.01
N GLN A 333 -2.84 15.93 -13.89
CA GLN A 333 -3.18 17.29 -13.52
C GLN A 333 -4.64 17.40 -13.17
N ALA A 334 -5.47 16.81 -14.01
CA ALA A 334 -6.90 16.79 -13.77
C ALA A 334 -7.17 16.15 -12.41
N ALA A 335 -6.52 14.99 -12.18
CA ALA A 335 -6.71 14.18 -10.95
C ALA A 335 -5.95 14.65 -9.70
N THR A 336 -4.71 15.08 -9.86
CA THR A 336 -3.93 15.56 -8.70
C THR A 336 -4.32 17.01 -8.45
N GLY A 337 -4.77 17.32 -7.24
CA GLY A 337 -5.07 18.70 -6.89
C GLY A 337 -3.75 19.46 -6.76
N ALA A 338 -3.68 20.68 -7.30
CA ALA A 338 -2.42 21.45 -7.31
C ALA A 338 -1.98 21.90 -5.91
N ALA A 339 -0.69 21.72 -5.58
CA ALA A 339 -0.11 22.11 -4.27
C ALA A 339 0.71 23.44 -4.28
N ALA A 340 0.76 24.12 -5.42
CA ALA A 340 1.51 25.39 -5.63
C ALA A 340 3.01 25.15 -5.80
N SER A 341 3.46 23.98 -5.32
CA SER A 341 4.83 23.48 -5.53
C SER A 341 4.76 21.95 -5.47
N ASN A 342 5.80 21.29 -5.98
CA ASN A 342 5.83 19.82 -6.02
C ASN A 342 6.51 19.09 -4.83
N LEU A 343 7.25 19.83 -3.99
CA LEU A 343 7.84 19.25 -2.77
C LEU A 343 6.79 19.24 -1.64
N ASP A 344 5.64 19.87 -1.92
CA ASP A 344 4.48 19.89 -1.01
C ASP A 344 3.45 18.81 -1.32
N LEU A 345 3.67 18.05 -2.39
CA LEU A 345 2.78 16.95 -2.76
C LEU A 345 2.97 15.75 -1.87
N TYR A 346 1.87 15.08 -1.57
CA TYR A 346 1.95 13.73 -1.07
C TYR A 346 1.97 12.80 -2.27
N PHE A 347 0.83 12.67 -2.94
CA PHE A 347 0.65 11.69 -3.98
C PHE A 347 0.39 12.34 -5.32
N VAL A 348 0.84 11.67 -6.37
CA VAL A 348 0.42 12.01 -7.72
C VAL A 348 -0.61 11.00 -8.22
N ASN A 349 -1.86 11.42 -8.38
CA ASN A 349 -2.89 10.49 -8.75
C ASN A 349 -2.84 10.11 -10.28
N SER A 350 -2.55 8.84 -10.58
CA SER A 350 -2.44 8.26 -11.93
C SER A 350 -2.21 6.72 -11.85
N THR A 351 -2.51 5.95 -12.89
CA THR A 351 -2.10 4.53 -12.89
C THR A 351 -0.59 4.36 -13.22
N TYR A 352 0.01 3.28 -12.76
CA TYR A 352 1.42 3.09 -13.01
C TYR A 352 1.71 2.69 -14.48
N TYR A 353 0.71 2.22 -15.22
CA TYR A 353 0.84 2.02 -16.69
C TYR A 353 0.86 3.38 -17.45
N SER A 354 -0.14 4.20 -17.16
CA SER A 354 -0.19 5.55 -17.66
C SER A 354 1.05 6.36 -17.28
N ALA A 355 1.54 6.22 -16.05
CA ALA A 355 2.72 7.01 -15.61
C ALA A 355 3.95 6.74 -16.48
N LEU A 356 3.97 5.54 -17.08
CA LEU A 356 5.00 5.15 -18.07
C LEU A 356 4.67 5.51 -19.55
N GLY A 357 3.55 6.20 -19.79
CA GLY A 357 3.10 6.50 -21.14
C GLY A 357 2.77 5.21 -21.87
N CYS A 358 2.11 4.31 -21.12
CA CYS A 358 1.58 3.06 -21.64
C CYS A 358 2.62 2.30 -22.46
N ASN A 359 3.86 2.39 -21.97
CA ASN A 359 5.02 1.70 -22.51
C ASN A 359 5.22 0.35 -21.88
N ASP A 360 5.19 -0.71 -22.68
CA ASP A 360 5.20 -2.06 -22.16
C ASP A 360 6.57 -2.56 -21.64
N GLN A 361 7.64 -2.23 -22.35
CA GLN A 361 8.99 -2.68 -21.96
C GLN A 361 9.43 -2.15 -20.59
N HIS A 362 9.16 -0.87 -20.39
CA HIS A 362 9.49 -0.17 -19.17
C HIS A 362 8.70 -0.77 -17.96
N TYR A 363 7.39 -0.92 -18.15
CA TYR A 363 6.52 -1.54 -17.16
C TYR A 363 7.00 -2.90 -16.71
N ILE A 364 7.17 -3.81 -17.69
CA ILE A 364 7.56 -5.18 -17.36
C ILE A 364 8.93 -5.22 -16.69
N ALA A 365 9.86 -4.35 -17.13
CA ALA A 365 11.14 -4.27 -16.45
C ALA A 365 10.96 -3.91 -14.97
N ALA A 366 10.10 -2.91 -14.73
CA ALA A 366 9.82 -2.44 -13.36
C ALA A 366 9.30 -3.53 -12.47
N ARG A 367 8.27 -4.22 -12.96
CA ARG A 367 7.81 -5.44 -12.28
C ARG A 367 8.92 -6.48 -12.03
N ALA A 368 9.76 -6.72 -13.03
CA ALA A 368 10.88 -7.62 -12.83
C ALA A 368 11.73 -7.18 -11.64
N VAL A 369 12.09 -5.90 -11.61
CA VAL A 369 12.99 -5.49 -10.56
C VAL A 369 12.29 -5.63 -9.24
N GLN A 370 11.02 -5.20 -9.18
CA GLN A 370 10.24 -5.35 -7.94
C GLN A 370 10.32 -6.78 -7.39
N PHE A 371 10.09 -7.75 -8.29
CA PHE A 371 10.10 -9.15 -7.91
C PHE A 371 11.50 -9.67 -7.56
N PHE A 372 12.56 -9.07 -8.10
CA PHE A 372 13.91 -9.53 -7.71
C PHE A 372 14.41 -9.05 -6.38
N LEU A 373 13.84 -7.98 -5.85
CA LEU A 373 14.31 -7.50 -4.57
C LEU A 373 13.64 -8.21 -3.39
N PRO A 374 14.36 -8.30 -2.28
CA PRO A 374 13.81 -9.00 -1.11
C PRO A 374 12.56 -8.38 -0.51
N GLY A 375 11.53 -9.19 -0.41
CA GLY A 375 10.28 -8.83 0.23
C GLY A 375 9.24 -9.63 -0.52
N VAL A 376 8.01 -9.62 -0.04
CA VAL A 376 6.93 -10.37 -0.65
C VAL A 376 6.20 -9.43 -1.61
N PRO A 377 6.16 -9.78 -2.90
CA PRO A 377 5.52 -8.85 -3.85
C PRO A 377 3.99 -8.87 -3.90
N GLN A 378 3.41 -7.68 -4.11
CA GLN A 378 1.98 -7.48 -4.30
C GLN A 378 1.71 -6.78 -5.63
N VAL A 379 0.60 -7.15 -6.30
CA VAL A 379 0.13 -6.46 -7.54
C VAL A 379 -1.33 -5.99 -7.40
N TYR A 380 -1.58 -4.77 -7.83
CA TYR A 380 -2.89 -4.13 -7.71
C TYR A 380 -3.72 -4.42 -8.97
N TYR A 381 -5.04 -4.59 -8.84
CA TYR A 381 -5.76 -5.19 -9.95
C TYR A 381 -5.60 -4.43 -11.23
N VAL A 382 -5.49 -3.09 -11.08
CA VAL A 382 -5.50 -2.19 -12.24
C VAL A 382 -4.18 -2.42 -12.99
N GLY A 383 -3.09 -2.55 -12.27
CA GLY A 383 -1.79 -2.91 -12.86
C GLY A 383 -1.69 -4.38 -13.24
N ALA A 384 -2.39 -5.26 -12.52
CA ALA A 384 -2.47 -6.63 -13.00
C ALA A 384 -3.15 -6.63 -14.41
N LEU A 385 -4.06 -5.70 -14.65
CA LEU A 385 -4.74 -5.60 -15.94
C LEU A 385 -4.10 -4.57 -16.86
N ALA A 386 -2.92 -4.08 -16.45
CA ALA A 386 -2.23 -2.99 -17.14
C ALA A 386 -3.15 -1.86 -17.55
N GLY A 387 -3.95 -1.34 -16.61
CA GLY A 387 -5.01 -0.40 -16.93
C GLY A 387 -4.64 1.08 -17.06
N LYS A 388 -5.41 1.78 -17.90
CA LYS A 388 -5.21 3.20 -18.15
C LYS A 388 -6.07 4.06 -17.24
N ASN A 389 -5.76 5.34 -17.24
CA ASN A 389 -6.43 6.27 -16.38
C ASN A 389 -7.89 6.31 -16.80
N ASP A 390 -8.80 6.30 -15.82
CA ASP A 390 -10.21 6.28 -16.12
C ASP A 390 -10.65 7.69 -15.90
N MET A 391 -11.03 8.38 -16.98
CA MET A 391 -11.41 9.79 -16.85
C MET A 391 -12.90 9.91 -16.57
N GLU A 392 -13.66 8.86 -16.85
CA GLU A 392 -15.13 8.92 -16.75
C GLU A 392 -15.54 8.96 -15.29
N LEU A 393 -15.10 7.94 -14.54
CA LEU A 393 -15.36 7.87 -13.10
C LEU A 393 -14.86 9.15 -12.45
N LEU A 394 -13.61 9.49 -12.70
CA LEU A 394 -12.99 10.73 -12.19
C LEU A 394 -13.90 11.95 -12.37
N ARG A 395 -14.40 12.09 -13.60
CA ARG A 395 -15.43 13.07 -13.90
C ARG A 395 -16.78 12.71 -13.26
N LYS A 396 -17.04 11.44 -12.92
CA LYS A 396 -18.30 11.10 -12.27
C LYS A 396 -18.30 11.45 -10.77
N THR A 397 -17.22 11.06 -10.10
CA THR A 397 -17.11 11.16 -8.66
C THR A 397 -16.34 12.39 -8.19
N ASN A 398 -15.60 13.04 -9.09
CA ASN A 398 -14.67 14.15 -8.72
C ASN A 398 -13.64 13.80 -7.67
N ASN A 399 -13.43 12.50 -7.50
CA ASN A 399 -12.58 11.98 -6.46
C ASN A 399 -11.32 11.59 -7.17
N GLY A 400 -10.20 12.21 -6.79
CA GLY A 400 -8.99 12.10 -7.56
C GLY A 400 -8.51 10.67 -7.69
N ARG A 401 -8.54 9.96 -6.57
CA ARG A 401 -8.01 8.60 -6.50
C ARG A 401 -8.81 7.58 -7.39
N ASP A 402 -10.09 7.91 -7.70
CA ASP A 402 -10.95 7.09 -8.59
C ASP A 402 -10.34 7.01 -10.01
N ILE A 403 -9.38 7.88 -10.35
CA ILE A 403 -8.71 7.72 -11.66
C ILE A 403 -7.97 6.39 -11.80
N ASN A 404 -7.45 5.94 -10.67
CA ASN A 404 -6.75 4.62 -10.53
C ASN A 404 -7.62 3.44 -9.95
N ARG A 405 -8.93 3.64 -9.78
CA ARG A 405 -9.82 2.59 -9.32
C ARG A 405 -10.90 2.37 -10.37
N HIS A 406 -10.74 1.38 -11.23
CA HIS A 406 -11.69 1.18 -12.33
C HIS A 406 -12.58 0.00 -11.96
N TYR A 407 -13.90 0.12 -12.12
CA TYR A 407 -14.76 -1.06 -11.93
C TYR A 407 -14.56 -1.91 -13.22
N TYR A 408 -13.96 -3.10 -13.05
CA TYR A 408 -13.73 -4.09 -14.11
C TYR A 408 -14.78 -5.25 -14.08
N SER A 409 -15.71 -5.27 -15.03
CA SER A 409 -16.59 -6.44 -15.22
C SER A 409 -15.81 -7.61 -15.88
N THR A 410 -16.31 -8.83 -15.76
CA THR A 410 -15.58 -10.04 -16.19
C THR A 410 -15.18 -9.98 -17.65
N ALA A 411 -16.10 -9.44 -18.45
CA ALA A 411 -15.88 -9.21 -19.86
C ALA A 411 -14.60 -8.40 -20.10
N GLU A 412 -14.46 -7.31 -19.35
CA GLU A 412 -13.31 -6.42 -19.48
C GLU A 412 -12.05 -7.18 -19.04
N ILE A 413 -12.20 -8.06 -18.06
CA ILE A 413 -11.02 -8.79 -17.57
C ILE A 413 -10.54 -9.75 -18.63
N ASP A 414 -11.46 -10.55 -19.16
CA ASP A 414 -11.11 -11.50 -20.20
C ASP A 414 -10.71 -10.75 -21.51
N GLU A 415 -11.27 -9.57 -21.77
CA GLU A 415 -10.80 -8.79 -22.94
C GLU A 415 -9.40 -8.19 -22.74
N ASN A 416 -9.08 -7.72 -21.54
CA ASN A 416 -7.72 -7.16 -21.24
C ASN A 416 -6.73 -8.31 -21.06
N LEU A 417 -7.23 -9.50 -20.72
CA LEU A 417 -6.38 -10.70 -20.61
C LEU A 417 -5.68 -11.08 -21.93
N LYS A 418 -6.23 -10.67 -23.07
CA LYS A 418 -5.67 -11.04 -24.36
C LYS A 418 -4.31 -10.34 -24.68
N ARG A 419 -4.04 -9.18 -24.06
CA ARG A 419 -2.89 -8.31 -24.37
C ARG A 419 -1.53 -8.93 -24.00
N PRO A 420 -0.52 -8.79 -24.86
CA PRO A 420 0.72 -9.53 -24.58
C PRO A 420 1.45 -9.17 -23.26
N VAL A 421 1.31 -7.90 -22.86
CA VAL A 421 1.96 -7.38 -21.66
C VAL A 421 1.31 -7.99 -20.40
N VAL A 422 -0.01 -8.14 -20.42
CA VAL A 422 -0.73 -8.84 -19.37
C VAL A 422 -0.26 -10.31 -19.29
N LYS A 423 -0.07 -10.94 -20.44
CA LYS A 423 0.40 -12.32 -20.44
C LYS A 423 1.85 -12.43 -19.94
N ALA A 424 2.68 -11.43 -20.26
CA ALA A 424 4.05 -11.41 -19.75
C ALA A 424 4.11 -11.24 -18.24
N LEU A 425 3.25 -10.36 -17.72
CA LEU A 425 3.20 -10.17 -16.26
C LEU A 425 2.79 -11.48 -15.59
N ASN A 426 1.72 -12.10 -16.10
CA ASN A 426 1.26 -13.37 -15.53
C ASN A 426 2.36 -14.43 -15.53
N ALA A 427 2.98 -14.60 -16.70
CA ALA A 427 4.11 -15.51 -16.85
C ALA A 427 5.20 -15.25 -15.80
N LEU A 428 5.53 -13.96 -15.63
CA LEU A 428 6.56 -13.52 -14.69
C LEU A 428 6.24 -13.75 -13.20
N ALA A 429 5.01 -13.55 -12.78
CA ALA A 429 4.60 -13.92 -11.42
C ALA A 429 4.74 -15.43 -11.22
N LYS A 430 4.10 -16.21 -12.12
CA LYS A 430 4.25 -17.67 -12.10
C LYS A 430 5.73 -18.09 -11.99
N PHE A 431 6.62 -17.45 -12.76
CA PHE A 431 8.05 -17.72 -12.67
C PHE A 431 8.58 -17.40 -11.29
N ARG A 432 8.15 -16.25 -10.73
CA ARG A 432 8.57 -15.87 -9.37
C ARG A 432 8.06 -16.86 -8.32
N ASN A 433 6.89 -17.44 -8.57
CA ASN A 433 6.31 -18.43 -7.64
C ASN A 433 6.86 -19.86 -7.74
N GLU A 434 7.08 -20.36 -8.95
CA GLU A 434 7.50 -21.76 -9.20
C GLU A 434 9.00 -22.06 -9.03
N LEU A 435 9.87 -21.09 -9.32
CA LEU A 435 11.30 -21.30 -9.15
C LEU A 435 11.72 -21.09 -7.71
N ASP A 436 12.41 -22.06 -7.13
CA ASP A 436 12.67 -22.04 -5.68
C ASP A 436 13.90 -21.20 -5.31
N ALA A 437 14.54 -20.65 -6.35
CA ALA A 437 15.73 -19.82 -6.17
C ALA A 437 15.49 -18.62 -5.26
N PHE A 438 14.23 -18.23 -5.13
CA PHE A 438 13.89 -17.04 -4.36
C PHE A 438 13.76 -17.31 -2.85
N ASP A 439 13.67 -18.59 -2.46
CA ASP A 439 13.59 -18.92 -1.04
C ASP A 439 15.03 -18.97 -0.48
N GLY A 440 15.97 -18.60 -1.36
CA GLY A 440 17.41 -18.74 -1.20
C GLY A 440 18.11 -17.51 -0.65
N THR A 441 19.26 -17.20 -1.26
CA THR A 441 20.06 -16.00 -0.93
C THR A 441 20.25 -14.97 -2.09
N PHE A 442 20.16 -13.67 -1.70
CA PHE A 442 20.21 -12.49 -2.61
C PHE A 442 21.58 -11.78 -2.70
N SER A 443 22.07 -11.57 -3.92
CA SER A 443 23.29 -10.77 -4.16
C SER A 443 23.08 -9.79 -5.34
N TYR A 444 23.73 -8.63 -5.29
CA TYR A 444 23.59 -7.67 -6.39
C TYR A 444 24.95 -7.09 -6.82
N THR A 445 24.99 -6.60 -8.05
CA THR A 445 26.18 -5.95 -8.58
C THR A 445 25.75 -4.72 -9.34
N THR A 446 26.62 -3.73 -9.37
CA THR A 446 26.33 -2.52 -10.11
C THR A 446 27.58 -2.14 -10.87
N ASP A 447 27.39 -1.42 -11.99
CA ASP A 447 28.54 -0.81 -12.66
C ASP A 447 28.80 0.55 -12.02
N ASP A 448 28.12 1.58 -12.53
CA ASP A 448 28.15 2.94 -11.95
C ASP A 448 26.77 3.58 -12.11
N ASP A 449 26.40 3.81 -13.38
CA ASP A 449 25.07 4.25 -13.77
C ASP A 449 24.45 3.29 -14.79
N THR A 450 25.09 3.05 -15.95
CA THR A 450 24.47 2.25 -17.02
C THR A 450 23.80 0.88 -16.61
N SER A 451 24.36 0.12 -15.67
CA SER A 451 23.90 -1.25 -15.40
C SER A 451 23.77 -1.67 -13.92
N ILE A 452 22.71 -2.43 -13.62
CA ILE A 452 22.63 -3.16 -12.34
C ILE A 452 22.13 -4.58 -12.55
N SER A 453 22.74 -5.51 -11.82
CA SER A 453 22.38 -6.91 -11.92
C SER A 453 21.94 -7.45 -10.56
N PHE A 454 20.76 -8.08 -10.56
CA PHE A 454 20.17 -8.69 -9.36
C PHE A 454 20.20 -10.20 -9.44
N THR A 455 20.82 -10.80 -8.44
CA THR A 455 21.11 -12.23 -8.45
C THR A 455 20.43 -12.89 -7.27
N TRP A 456 19.74 -14.00 -7.56
CA TRP A 456 19.28 -14.93 -6.52
C TRP A 456 19.91 -16.31 -6.74
N ARG A 457 20.33 -16.95 -5.66
CA ARG A 457 20.81 -18.33 -5.74
C ARG A 457 20.13 -19.22 -4.66
N GLY A 458 19.40 -20.24 -5.14
CA GLY A 458 18.75 -21.25 -4.29
C GLY A 458 19.35 -22.64 -4.40
N GLU A 459 18.62 -23.68 -3.94
CA GLU A 459 19.17 -25.04 -3.90
C GLU A 459 19.31 -25.76 -5.26
N THR A 460 18.21 -25.89 -6.01
CA THR A 460 18.22 -26.60 -7.29
C THR A 460 18.30 -25.62 -8.47
N SER A 461 18.35 -24.32 -8.17
CA SER A 461 18.16 -23.30 -9.19
C SER A 461 18.80 -21.93 -8.88
N GLN A 462 19.04 -21.16 -9.96
CA GLN A 462 19.69 -19.85 -9.90
C GLN A 462 19.02 -18.86 -10.85
N ALA A 463 19.09 -17.55 -10.57
CA ALA A 463 18.62 -16.53 -11.52
C ALA A 463 19.30 -15.15 -11.42
N THR A 464 19.42 -14.49 -12.57
CA THR A 464 19.97 -13.13 -12.60
C THR A 464 19.24 -12.23 -13.62
N LEU A 465 18.84 -11.07 -13.10
CA LEU A 465 18.21 -10.04 -13.90
C LEU A 465 19.12 -8.82 -14.02
N THR A 466 19.49 -8.48 -15.26
CA THR A 466 20.31 -7.32 -15.53
C THR A 466 19.43 -6.21 -16.13
N PHE A 467 19.68 -5.01 -15.60
CA PHE A 467 18.82 -3.87 -15.82
C PHE A 467 19.63 -2.66 -16.31
N GLU A 468 19.28 -2.21 -17.53
CA GLU A 468 19.92 -1.12 -18.28
C GLU A 468 18.89 -0.19 -18.92
N PRO A 469 18.43 0.82 -18.20
CA PRO A 469 17.49 1.78 -18.79
C PRO A 469 18.10 2.70 -19.87
N LYS A 470 19.43 2.83 -19.93
CA LYS A 470 20.10 3.65 -20.96
C LYS A 470 19.87 3.11 -22.37
N ARG A 471 19.71 1.79 -22.48
CA ARG A 471 19.65 1.09 -23.77
C ARG A 471 18.48 1.51 -24.65
N GLY A 472 17.43 2.02 -24.03
CA GLY A 472 16.43 2.76 -24.76
C GLY A 472 15.72 3.72 -23.84
N LEU A 473 15.28 4.84 -24.42
CA LEU A 473 14.76 5.96 -23.65
C LEU A 473 13.53 6.48 -24.33
N GLY A 474 12.61 7.07 -23.57
CA GLY A 474 11.44 7.71 -24.14
C GLY A 474 10.18 6.87 -24.10
N VAL A 475 9.05 7.56 -24.07
CA VAL A 475 7.78 6.87 -23.81
C VAL A 475 7.45 5.80 -24.87
N ASP A 476 7.83 6.07 -26.12
CA ASP A 476 7.48 5.20 -27.25
C ASP A 476 8.58 4.22 -27.64
N ASN A 477 9.63 4.15 -26.83
CA ASN A 477 10.79 3.29 -27.12
C ASN A 477 10.61 1.81 -26.75
N THR A 478 10.73 0.96 -27.78
CA THR A 478 10.43 -0.48 -27.71
C THR A 478 11.66 -1.38 -27.41
N THR A 479 12.81 -0.77 -27.14
CA THR A 479 14.05 -1.52 -26.86
C THR A 479 14.03 -2.10 -25.45
N PRO A 480 14.17 -3.44 -25.32
CA PRO A 480 14.19 -4.07 -23.99
C PRO A 480 15.30 -3.54 -23.08
N VAL A 481 14.90 -3.10 -21.88
CA VAL A 481 15.83 -2.60 -20.86
C VAL A 481 16.11 -3.62 -19.74
N ALA A 482 15.63 -4.86 -19.88
CA ALA A 482 15.94 -5.92 -18.89
C ALA A 482 16.23 -7.29 -19.52
N MET A 483 17.35 -7.88 -19.10
CA MET A 483 17.76 -9.22 -19.55
C MET A 483 17.71 -10.19 -18.40
N LEU A 484 17.28 -11.40 -18.69
CA LEU A 484 17.15 -12.46 -17.70
C LEU A 484 17.91 -13.74 -18.04
N GLU A 485 18.60 -14.29 -17.05
CA GLU A 485 19.22 -15.61 -17.19
C GLU A 485 18.92 -16.46 -15.98
N TRP A 486 18.83 -17.77 -16.17
CA TRP A 486 18.56 -18.63 -15.01
C TRP A 486 18.99 -20.07 -15.21
N GLU A 487 19.09 -20.81 -14.11
CA GLU A 487 19.51 -22.21 -14.11
C GLU A 487 18.48 -23.08 -13.33
N ASP A 488 18.00 -24.15 -13.97
CA ASP A 488 17.04 -25.09 -13.31
C ASP A 488 17.27 -26.56 -13.74
N SER A 489 16.28 -27.44 -13.50
CA SER A 489 16.38 -28.84 -13.92
C SER A 489 16.95 -28.96 -15.34
N ALA A 490 16.50 -28.07 -16.24
CA ALA A 490 16.86 -28.11 -17.66
C ALA A 490 18.13 -27.32 -18.02
N GLY A 491 18.87 -26.87 -17.00
CA GLY A 491 20.13 -26.16 -17.22
C GLY A 491 20.06 -24.65 -17.26
N ASP A 492 21.02 -24.05 -17.97
CA ASP A 492 21.13 -22.60 -18.18
C ASP A 492 20.30 -22.06 -19.36
N HIS A 493 19.39 -21.14 -19.06
CA HIS A 493 18.50 -20.54 -20.05
C HIS A 493 18.55 -19.02 -19.96
N ARG A 494 18.03 -18.38 -21.01
CA ARG A 494 18.10 -16.94 -21.15
C ARG A 494 16.86 -16.33 -21.80
N SER A 495 16.59 -15.08 -21.43
CA SER A 495 15.54 -14.25 -22.04
C SER A 495 15.99 -12.76 -22.22
N ASP A 496 16.07 -12.28 -23.46
CA ASP A 496 16.46 -10.88 -23.73
C ASP A 496 15.29 -9.96 -24.03
N ASP A 497 14.11 -10.55 -24.12
CA ASP A 497 12.88 -9.81 -24.24
C ASP A 497 11.84 -10.50 -23.38
N LEU A 498 11.26 -9.80 -22.42
CA LEU A 498 10.36 -10.43 -21.45
C LEU A 498 8.87 -10.37 -21.83
N ILE A 499 8.51 -9.59 -22.85
CA ILE A 499 7.14 -9.54 -23.35
C ILE A 499 6.92 -10.62 -24.39
N ALA A 500 7.70 -10.57 -25.46
CA ALA A 500 7.60 -11.53 -26.57
C ALA A 500 8.08 -12.94 -26.19
N ASN A 501 9.17 -13.02 -25.44
CA ASN A 501 9.75 -14.32 -25.04
C ASN A 501 9.67 -14.46 -23.50
N PRO A 502 8.45 -14.63 -22.98
CA PRO A 502 8.29 -14.70 -21.51
C PRO A 502 8.88 -15.99 -20.94
N PRO A 503 9.45 -15.94 -19.71
CA PRO A 503 10.14 -17.06 -19.05
C PRO A 503 9.26 -18.15 -18.40
N VAL A 504 9.66 -19.42 -18.57
CA VAL A 504 8.95 -20.59 -18.04
C VAL A 504 9.93 -21.44 -17.20
N VAL A 505 9.42 -22.34 -16.36
CA VAL A 505 10.27 -23.14 -15.46
C VAL A 505 10.08 -24.63 -15.79
N ALA A 506 11.03 -25.47 -15.34
CA ALA A 506 11.04 -26.92 -15.67
C ALA A 506 10.59 -27.86 -14.53
C2 BGC B . -5.44 4.33 3.83
C3 BGC B . -5.98 5.46 3.04
C4 BGC B . -7.10 6.10 3.86
C5 BGC B . -6.51 6.60 5.22
C6 BGC B . -7.57 7.16 6.21
C1 BGC B . -4.88 4.85 5.13
O1 BGC B . -4.49 3.76 5.93
O2 BGC B . -4.42 3.65 3.01
O3 BGC B . -6.36 4.91 1.72
O4 BGC B . -7.66 7.21 3.16
O5 BGC B . -5.85 5.53 5.92
O6 BGC B . -8.16 5.99 6.93
H2 BGC B . -6.24 3.63 4.03
H3 BGC B . -5.19 6.19 2.88
H4 BGC B . -7.87 5.35 4.05
H5 BGC B . -5.78 7.37 5.01
H61 BGC B . -7.19 7.69 7.03
H62 BGC B . -8.43 7.57 5.77
H1 BGC B . -4.05 5.53 4.93
HO1 BGC B . -4.12 4.09 6.80
HO2 BGC B . -4.06 2.87 3.51
HO3 BGC B . -5.57 4.51 1.28
HO4 BGC B . -8.03 6.92 2.29
HO6 BGC B . -8.83 6.30 7.58
#